data_6CBQ
#
_entry.id   6CBQ
#
_cell.length_a   94.120
_cell.length_b   94.120
_cell.length_c   105.680
_cell.angle_alpha   90.00
_cell.angle_beta   90.00
_cell.angle_gamma   120.00
#
_symmetry.space_group_name_H-M   'P 31 2 1'
#
loop_
_entity.id
_entity.type
_entity.pdbx_description
1 polymer 'LuxR family transcriptional regulator'
2 non-polymer (2S)-2-hexyl-N-[(3S)-2-oxooxolan-3-yl]decanamide
3 water water
#
_entity_poly.entity_id   1
_entity_poly.type   'polypeptide(L)'
_entity_poly.pdbx_seq_one_letter_code
;MHDEREGYLEILSRITTEEEFFSLVLEICGNYGFEFFSFGARAPFPLTAPKYHFLSNYPGEWKSRYISEDYTSIDPIVRH
GLLEYTPLIWNGEDFQENRFFWEEALHHGIRHGWSIPVRGKYGLISMLSLVRSSESIAATEILEKESFLLWITSMLQATF
GDLLAPRIVPESNVRLTARETEMLKWTAVGKTYGEIGLILSIDQRTVKFHIVNAMRKLNSSNKAEATMKAYAIGLLN
;
_entity_poly.pdbx_strand_id   A,B
#
loop_
_chem_comp.id
_chem_comp.type
_chem_comp.name
_chem_comp.formula
EVY non-polymer (2S)-2-hexyl-N-[(3S)-2-oxooxolan-3-yl]decanamide 'C20 H37 N O3'
#
# COMPACT_ATOMS: atom_id res chain seq x y z
N GLU A 4 -2.03 23.14 15.64
CA GLU A 4 -1.49 22.54 16.85
C GLU A 4 -0.40 21.54 16.53
N ARG A 5 -0.29 21.18 15.25
CA ARG A 5 0.70 20.24 14.77
C ARG A 5 1.92 20.94 14.16
N GLU A 6 2.08 22.24 14.41
CA GLU A 6 3.21 22.97 13.84
C GLU A 6 4.52 22.56 14.49
N GLY A 7 4.50 22.27 15.79
CA GLY A 7 5.69 21.73 16.43
C GLY A 7 6.10 20.39 15.84
N TYR A 8 5.13 19.49 15.70
CA TYR A 8 5.40 18.18 15.11
C TYR A 8 5.99 18.32 13.71
N LEU A 9 5.28 19.02 12.82
CA LEU A 9 5.76 19.17 11.45
C LEU A 9 7.15 19.79 11.39
N GLU A 10 7.51 20.58 12.40
CA GLU A 10 8.88 21.10 12.48
C GLU A 10 9.80 20.10 13.16
N ILE A 11 9.32 19.37 14.16
CA ILE A 11 10.15 18.39 14.86
C ILE A 11 10.59 17.29 13.91
N LEU A 12 9.66 16.77 13.09
CA LEU A 12 10.00 15.70 12.16
C LEU A 12 11.02 16.16 11.13
N SER A 13 10.99 17.44 10.75
CA SER A 13 11.98 17.95 9.81
C SER A 13 13.37 18.00 10.45
N ARG A 14 13.44 18.15 11.77
N ARG A 14 13.44 18.15 11.77
CA ARG A 14 14.71 18.21 12.48
CA ARG A 14 14.72 18.21 12.47
C ARG A 14 15.27 16.84 12.81
C ARG A 14 15.28 16.84 12.82
N ILE A 15 14.42 15.82 12.92
CA ILE A 15 14.87 14.49 13.35
C ILE A 15 15.75 13.88 12.26
N THR A 16 16.99 13.57 12.62
CA THR A 16 17.94 12.95 11.70
C THR A 16 18.53 11.65 12.23
N THR A 17 18.12 11.19 13.41
CA THR A 17 18.65 9.96 13.99
C THR A 17 17.51 9.11 14.52
N GLU A 18 17.80 7.82 14.68
CA GLU A 18 16.79 6.88 15.17
C GLU A 18 16.45 7.12 16.64
N GLU A 19 17.36 7.73 17.40
CA GLU A 19 17.07 8.02 18.81
C GLU A 19 16.09 9.17 18.95
N GLU A 20 16.25 10.22 18.12
CA GLU A 20 15.30 11.33 18.14
C GLU A 20 13.90 10.87 17.75
N PHE A 21 13.80 9.89 16.85
CA PHE A 21 12.50 9.35 16.47
C PHE A 21 11.82 8.66 17.65
N PHE A 22 12.58 7.89 18.43
CA PHE A 22 12.04 7.23 19.62
C PHE A 22 11.44 8.25 20.58
N SER A 23 12.11 9.38 20.77
CA SER A 23 11.62 10.39 21.71
C SER A 23 10.31 11.01 21.25
N LEU A 24 10.21 11.34 19.96
CA LEU A 24 9.00 11.97 19.45
C LEU A 24 7.79 11.05 19.61
N VAL A 25 7.94 9.78 19.25
CA VAL A 25 6.81 8.86 19.37
C VAL A 25 6.47 8.62 20.84
N LEU A 26 7.47 8.66 21.71
CA LEU A 26 7.20 8.55 23.15
C LEU A 26 6.46 9.76 23.68
N GLU A 27 6.76 10.96 23.14
CA GLU A 27 6.02 12.15 23.53
C GLU A 27 4.57 12.08 23.06
N ILE A 28 4.35 11.61 21.84
CA ILE A 28 2.99 11.47 21.32
C ILE A 28 2.24 10.40 22.09
N CYS A 29 2.93 9.32 22.46
CA CYS A 29 2.29 8.22 23.16
C CYS A 29 1.69 8.68 24.49
N GLY A 30 2.41 9.53 25.22
CA GLY A 30 1.93 10.00 26.50
C GLY A 30 0.97 11.17 26.38
N ASN A 31 1.23 12.07 25.42
CA ASN A 31 0.36 13.22 25.23
C ASN A 31 -1.05 12.81 24.83
N TYR A 32 -1.24 11.57 24.37
CA TYR A 32 -2.56 11.09 23.95
C TYR A 32 -3.06 9.96 24.83
N GLY A 33 -2.48 9.80 26.02
CA GLY A 33 -3.06 8.96 27.04
C GLY A 33 -2.72 7.48 26.95
N PHE A 34 -1.47 7.14 26.65
CA PHE A 34 -1.07 5.75 26.52
C PHE A 34 0.27 5.53 27.20
N GLU A 35 0.48 4.31 27.70
CA GLU A 35 1.73 3.94 28.35
C GLU A 35 2.79 3.49 27.35
N PHE A 36 2.41 2.62 26.43
CA PHE A 36 3.34 1.99 25.52
C PHE A 36 3.04 2.38 24.08
N PHE A 37 4.09 2.41 23.27
CA PHE A 37 3.99 2.56 21.83
C PHE A 37 4.83 1.47 21.18
N SER A 38 4.58 1.29 19.87
CA SER A 38 5.44 0.43 19.07
C SER A 38 5.32 0.88 17.63
N PHE A 39 6.45 1.24 17.02
CA PHE A 39 6.51 1.55 15.60
C PHE A 39 7.35 0.49 14.91
N GLY A 40 6.74 -0.27 14.01
CA GLY A 40 7.43 -1.31 13.27
C GLY A 40 7.31 -1.09 11.79
N ALA A 41 8.37 -1.41 11.06
CA ALA A 41 8.39 -1.31 9.61
C ALA A 41 8.90 -2.62 9.03
N ARG A 42 8.26 -3.07 7.94
CA ARG A 42 8.63 -4.31 7.28
C ARG A 42 9.24 -3.97 5.93
N ALA A 43 10.52 -4.25 5.76
CA ALA A 43 11.11 -4.13 4.45
C ALA A 43 10.67 -5.31 3.58
N PRO A 44 10.50 -5.10 2.27
CA PRO A 44 10.08 -6.20 1.41
C PRO A 44 11.17 -7.22 1.12
N PHE A 45 12.40 -6.98 1.55
CA PHE A 45 13.51 -7.88 1.26
C PHE A 45 14.11 -8.47 2.53
N PRO A 46 14.53 -9.74 2.48
CA PRO A 46 14.40 -10.62 1.31
C PRO A 46 12.98 -11.13 1.12
N LEU A 47 12.64 -11.48 -0.12
CA LEU A 47 11.27 -11.88 -0.44
C LEU A 47 10.84 -13.14 0.28
N THR A 48 11.78 -13.97 0.72
CA THR A 48 11.45 -15.17 1.48
C THR A 48 10.99 -14.81 2.88
N ALA A 49 11.95 -14.43 3.74
CA ALA A 49 11.65 -14.01 5.10
C ALA A 49 12.01 -12.54 5.25
N PRO A 50 11.07 -11.61 5.09
CA PRO A 50 11.39 -10.19 5.20
C PRO A 50 11.78 -9.80 6.62
N LYS A 51 12.67 -8.82 6.72
CA LYS A 51 13.21 -8.40 8.00
C LYS A 51 12.36 -7.27 8.58
N TYR A 52 11.99 -7.42 9.85
CA TYR A 52 11.22 -6.40 10.57
C TYR A 52 12.16 -5.55 11.42
N HIS A 53 11.76 -4.30 11.65
N HIS A 53 11.73 -4.32 11.69
CA HIS A 53 12.49 -3.40 12.52
CA HIS A 53 12.50 -3.40 12.52
C HIS A 53 11.49 -2.68 13.41
C HIS A 53 11.52 -2.64 13.41
N PHE A 54 11.60 -2.89 14.72
CA PHE A 54 10.69 -2.31 15.69
C PHE A 54 11.38 -1.23 16.50
N LEU A 55 10.56 -0.33 17.05
CA LEU A 55 10.98 0.64 18.06
C LEU A 55 9.84 0.79 19.05
N SER A 56 9.99 0.23 20.24
CA SER A 56 8.94 0.28 21.24
C SER A 56 9.53 0.54 22.62
N ASN A 57 8.68 1.05 23.51
CA ASN A 57 8.99 1.17 24.92
C ASN A 57 8.29 0.11 25.75
N TYR A 58 7.95 -1.03 25.14
CA TYR A 58 7.39 -2.16 25.86
C TYR A 58 8.34 -2.58 26.97
N PRO A 59 7.85 -3.30 27.98
CA PRO A 59 8.76 -3.86 28.99
C PRO A 59 9.85 -4.69 28.32
N GLY A 60 11.08 -4.50 28.77
CA GLY A 60 12.20 -5.17 28.13
C GLY A 60 12.04 -6.67 28.09
N GLU A 61 11.47 -7.24 29.16
CA GLU A 61 11.22 -8.68 29.18
C GLU A 61 10.31 -9.10 28.03
N TRP A 62 9.31 -8.27 27.70
CA TRP A 62 8.43 -8.59 26.59
C TRP A 62 9.12 -8.39 25.24
N LYS A 63 9.92 -7.33 25.13
CA LYS A 63 10.60 -7.05 23.86
C LYS A 63 11.55 -8.17 23.48
N SER A 64 12.25 -8.74 24.46
CA SER A 64 13.17 -9.84 24.17
C SER A 64 12.43 -11.14 23.92
N ARG A 65 11.32 -11.36 24.65
CA ARG A 65 10.51 -12.55 24.41
C ARG A 65 9.80 -12.48 23.07
N TYR A 66 9.46 -11.28 22.60
CA TYR A 66 8.79 -11.15 21.31
C TYR A 66 9.69 -11.60 20.17
N ILE A 67 10.99 -11.40 20.30
CA ILE A 67 11.92 -11.78 19.23
C ILE A 67 12.51 -13.16 19.44
N SER A 68 12.75 -13.54 20.71
CA SER A 68 13.33 -14.86 20.99
C SER A 68 12.38 -15.99 20.62
N GLU A 69 11.07 -15.74 20.67
CA GLU A 69 10.07 -16.73 20.29
C GLU A 69 9.47 -16.45 18.93
N ASP A 70 9.93 -15.40 18.24
CA ASP A 70 9.46 -15.02 16.91
C ASP A 70 7.93 -14.84 16.90
N TYR A 71 7.48 -13.91 17.73
CA TYR A 71 6.05 -13.60 17.81
C TYR A 71 5.55 -12.84 16.59
N THR A 72 6.43 -12.41 15.70
CA THR A 72 6.00 -11.71 14.50
C THR A 72 5.13 -12.59 13.61
N SER A 73 5.38 -13.90 13.61
CA SER A 73 4.66 -14.82 12.74
C SER A 73 3.25 -15.12 13.26
N ILE A 74 2.99 -14.94 14.55
CA ILE A 74 1.70 -15.26 15.14
C ILE A 74 0.92 -14.05 15.61
N ASP A 75 1.55 -12.88 15.66
CA ASP A 75 0.88 -11.69 16.18
C ASP A 75 -0.26 -11.30 15.25
N PRO A 76 -1.51 -11.36 15.70
CA PRO A 76 -2.63 -10.98 14.82
C PRO A 76 -2.65 -9.50 14.50
N ILE A 77 -1.96 -8.66 15.27
CA ILE A 77 -1.83 -7.26 14.92
C ILE A 77 -0.91 -7.11 13.71
N VAL A 78 0.21 -7.84 13.72
CA VAL A 78 1.09 -7.88 12.55
C VAL A 78 0.31 -8.36 11.33
N ARG A 79 -0.49 -9.43 11.50
CA ARG A 79 -1.28 -9.94 10.39
C ARG A 79 -2.29 -8.91 9.90
N HIS A 80 -2.85 -8.12 10.83
CA HIS A 80 -3.79 -7.08 10.43
C HIS A 80 -3.12 -6.00 9.60
N GLY A 81 -1.94 -5.54 10.03
CA GLY A 81 -1.25 -4.49 9.30
C GLY A 81 -0.79 -4.92 7.92
N LEU A 82 -0.45 -6.19 7.75
CA LEU A 82 0.01 -6.67 6.45
C LEU A 82 -1.15 -6.82 5.47
N LEU A 83 -2.32 -7.26 5.96
CA LEU A 83 -3.45 -7.57 5.09
C LEU A 83 -4.49 -6.48 5.05
N GLU A 84 -4.65 -5.70 6.13
CA GLU A 84 -5.61 -4.62 6.17
C GLU A 84 -4.91 -3.27 6.07
N TYR A 85 -5.71 -2.24 5.77
CA TYR A 85 -5.20 -0.90 5.52
C TYR A 85 -5.90 0.14 6.38
N THR A 86 -6.59 -0.30 7.42
CA THR A 86 -7.41 0.55 8.27
C THR A 86 -6.96 0.45 9.72
N PRO A 87 -7.23 1.47 10.53
CA PRO A 87 -6.88 1.39 11.96
C PRO A 87 -7.61 0.26 12.66
N LEU A 88 -7.10 -0.11 13.84
CA LEU A 88 -7.64 -1.23 14.59
C LEU A 88 -7.63 -0.90 16.08
N ILE A 89 -8.75 -1.20 16.75
CA ILE A 89 -8.85 -1.12 18.20
C ILE A 89 -8.99 -2.55 18.71
N TRP A 90 -8.08 -2.96 19.58
CA TRP A 90 -8.06 -4.32 20.07
C TRP A 90 -7.94 -4.37 21.58
N ASN A 91 -8.52 -5.42 22.16
CA ASN A 91 -8.42 -5.72 23.58
C ASN A 91 -7.87 -7.13 23.72
N GLY A 92 -6.73 -7.26 24.40
CA GLY A 92 -6.05 -8.55 24.49
C GLY A 92 -6.89 -9.66 25.08
N GLU A 93 -7.94 -9.32 25.83
CA GLU A 93 -8.77 -10.33 26.46
C GLU A 93 -9.84 -10.89 25.52
N ASP A 94 -10.07 -10.25 24.38
CA ASP A 94 -11.13 -10.71 23.48
C ASP A 94 -10.70 -11.90 22.63
N PHE A 95 -9.41 -12.02 22.33
CA PHE A 95 -8.95 -12.98 21.34
C PHE A 95 -9.10 -14.42 21.84
N GLN A 96 -9.62 -15.28 20.98
CA GLN A 96 -9.87 -16.67 21.30
C GLN A 96 -8.65 -17.55 21.05
N GLU A 97 -7.93 -17.31 19.97
CA GLU A 97 -6.76 -18.10 19.59
C GLU A 97 -5.48 -17.41 20.05
N ASN A 98 -4.39 -18.18 20.03
CA ASN A 98 -3.07 -17.69 20.45
C ASN A 98 -3.10 -17.15 21.87
N ARG A 99 -3.73 -17.90 22.77
CA ARG A 99 -3.88 -17.44 24.15
C ARG A 99 -2.53 -17.34 24.85
N PHE A 100 -1.63 -18.28 24.57
CA PHE A 100 -0.28 -18.20 25.13
C PHE A 100 0.40 -16.88 24.77
N PHE A 101 0.14 -16.38 23.56
CA PHE A 101 0.70 -15.09 23.18
C PHE A 101 0.03 -13.95 23.92
N TRP A 102 -1.30 -14.00 24.05
CA TRP A 102 -2.03 -12.90 24.68
C TRP A 102 -1.90 -12.90 26.19
N GLU A 103 -1.89 -14.09 26.82
N GLU A 103 -1.91 -14.10 26.80
CA GLU A 103 -1.77 -14.15 28.27
CA GLU A 103 -1.75 -14.19 28.26
C GLU A 103 -0.43 -13.57 28.74
C GLU A 103 -0.45 -13.54 28.71
N GLU A 104 0.63 -13.72 27.95
CA GLU A 104 1.90 -13.14 28.31
C GLU A 104 1.95 -11.65 28.03
N ALA A 105 1.29 -11.20 26.95
CA ALA A 105 1.21 -9.76 26.69
C ALA A 105 0.34 -9.06 27.72
N LEU A 106 -0.80 -9.68 28.08
CA LEU A 106 -1.60 -9.13 29.16
C LEU A 106 -0.85 -9.15 30.49
N HIS A 107 0.12 -10.06 30.63
CA HIS A 107 0.91 -10.11 31.86
C HIS A 107 1.77 -8.86 32.01
N HIS A 108 2.33 -8.37 30.90
CA HIS A 108 3.15 -7.17 30.89
C HIS A 108 2.35 -5.89 30.70
N GLY A 109 1.02 -5.96 30.74
CA GLY A 109 0.19 -4.78 30.65
C GLY A 109 -0.15 -4.33 29.25
N ILE A 110 0.03 -5.19 28.25
CA ILE A 110 -0.30 -4.83 26.87
C ILE A 110 -1.74 -5.25 26.59
N ARG A 111 -2.71 -4.42 27.00
CA ARG A 111 -4.11 -4.82 27.02
C ARG A 111 -4.93 -4.05 25.99
N HIS A 112 -5.07 -2.74 26.13
CA HIS A 112 -5.87 -1.92 25.22
C HIS A 112 -4.93 -1.23 24.25
N GLY A 113 -5.08 -1.56 22.96
CA GLY A 113 -4.18 -1.05 21.95
C GLY A 113 -4.90 -0.38 20.81
N TRP A 114 -4.16 0.46 20.10
CA TRP A 114 -4.65 1.18 18.94
C TRP A 114 -3.56 1.15 17.87
N SER A 115 -3.78 0.39 16.80
CA SER A 115 -2.77 0.16 15.77
C SER A 115 -3.18 0.80 14.45
N ILE A 116 -2.24 1.48 13.81
CA ILE A 116 -2.51 2.21 12.58
C ILE A 116 -1.54 1.77 11.49
N PRO A 117 -1.94 0.89 10.58
CA PRO A 117 -1.05 0.51 9.47
C PRO A 117 -1.03 1.57 8.38
N VAL A 118 0.15 1.78 7.81
CA VAL A 118 0.34 2.73 6.73
C VAL A 118 1.33 2.17 5.72
N ARG A 119 1.15 2.55 4.46
CA ARG A 119 2.06 2.18 3.38
C ARG A 119 2.96 3.36 3.03
N GLY A 120 4.14 3.05 2.51
CA GLY A 120 5.09 4.09 2.17
C GLY A 120 6.00 3.74 1.02
N LYS A 121 6.96 4.61 0.73
CA LYS A 121 7.85 4.38 -0.39
C LYS A 121 8.71 3.14 -0.18
N TYR A 122 9.21 2.60 -1.28
CA TYR A 122 10.16 1.49 -1.27
C TYR A 122 9.57 0.22 -0.67
N GLY A 123 8.25 0.06 -0.80
CA GLY A 123 7.58 -1.11 -0.27
C GLY A 123 7.61 -1.24 1.25
N LEU A 124 7.76 -0.14 1.97
CA LEU A 124 7.81 -0.18 3.43
C LEU A 124 6.39 -0.19 3.98
N ILE A 125 6.08 -1.20 4.79
CA ILE A 125 4.81 -1.32 5.48
C ILE A 125 5.07 -1.01 6.95
N SER A 126 4.56 0.13 7.41
CA SER A 126 4.77 0.58 8.77
C SER A 126 3.45 0.56 9.55
N MET A 127 3.56 0.60 10.87
CA MET A 127 2.38 0.65 11.73
C MET A 127 2.75 1.25 13.07
N LEU A 128 1.96 2.24 13.50
CA LEU A 128 2.06 2.82 14.84
C LEU A 128 1.02 2.17 15.75
N SER A 129 1.47 1.70 16.90
CA SER A 129 0.59 1.11 17.90
C SER A 129 0.72 1.88 19.20
N LEU A 130 -0.42 2.21 19.81
CA LEU A 130 -0.48 2.85 21.11
C LEU A 130 -1.22 1.92 22.06
N VAL A 131 -0.59 1.59 23.19
CA VAL A 131 -1.14 0.61 24.11
C VAL A 131 -1.12 1.19 25.52
N ARG A 132 -2.14 0.82 26.31
CA ARG A 132 -2.14 1.10 27.74
C ARG A 132 -2.79 -0.08 28.45
N SER A 133 -2.43 -0.24 29.73
CA SER A 133 -2.80 -1.43 30.49
C SER A 133 -4.19 -1.34 31.12
N SER A 134 -4.83 -0.18 31.10
CA SER A 134 -6.17 -0.04 31.67
C SER A 134 -6.92 1.05 30.92
N GLU A 135 -8.23 1.11 31.19
CA GLU A 135 -9.15 2.04 30.54
C GLU A 135 -9.27 1.74 29.05
N SER A 136 -10.35 1.08 28.64
CA SER A 136 -10.56 0.73 27.25
C SER A 136 -10.78 1.98 26.40
N ILE A 137 -10.47 1.86 25.12
CA ILE A 137 -10.55 2.98 24.18
C ILE A 137 -12.01 3.09 23.74
N ALA A 138 -12.74 4.04 24.34
CA ALA A 138 -14.15 4.23 24.04
C ALA A 138 -14.33 4.90 22.68
N ALA A 139 -15.58 4.91 22.20
CA ALA A 139 -15.88 5.52 20.91
C ALA A 139 -15.71 7.03 20.95
N THR A 140 -15.97 7.65 22.09
CA THR A 140 -15.74 9.09 22.23
C THR A 140 -14.26 9.42 22.10
N GLU A 141 -13.40 8.58 22.67
CA GLU A 141 -11.96 8.81 22.57
C GLU A 141 -11.47 8.61 21.14
N ILE A 142 -12.06 7.65 20.42
CA ILE A 142 -11.62 7.37 19.05
C ILE A 142 -11.93 8.56 18.13
N LEU A 143 -13.19 9.01 18.13
CA LEU A 143 -13.55 10.17 17.33
C LEU A 143 -12.84 11.44 17.75
N GLU A 144 -12.09 11.42 18.85
CA GLU A 144 -11.39 12.62 19.30
C GLU A 144 -10.05 12.78 18.61
N LYS A 145 -9.27 11.70 18.51
CA LYS A 145 -7.90 11.79 18.05
C LYS A 145 -7.55 10.79 16.95
N GLU A 146 -8.53 10.14 16.33
CA GLU A 146 -8.20 9.21 15.25
C GLU A 146 -7.68 9.95 14.03
N SER A 147 -8.28 11.10 13.70
CA SER A 147 -7.83 11.88 12.55
C SER A 147 -6.39 12.34 12.75
N PHE A 148 -6.03 12.77 13.96
CA PHE A 148 -4.65 13.15 14.22
C PHE A 148 -3.73 11.96 14.18
N LEU A 149 -4.11 10.87 14.86
CA LEU A 149 -3.26 9.69 14.90
C LEU A 149 -3.07 9.08 13.52
N LEU A 150 -4.06 9.20 12.65
CA LEU A 150 -3.89 8.79 11.26
C LEU A 150 -2.90 9.69 10.54
N TRP A 151 -2.94 10.99 10.84
CA TRP A 151 -2.07 11.94 10.16
C TRP A 151 -0.62 11.82 10.62
N ILE A 152 -0.41 11.70 11.93
CA ILE A 152 0.96 11.62 12.45
C ILE A 152 1.62 10.33 12.04
N THR A 153 0.85 9.25 11.87
CA THR A 153 1.43 7.98 11.48
C THR A 153 1.98 8.04 10.05
N SER A 154 1.28 8.76 9.16
CA SER A 154 1.79 8.94 7.80
C SER A 154 3.05 9.77 7.80
N MET A 155 3.11 10.80 8.65
CA MET A 155 4.31 11.63 8.75
C MET A 155 5.45 10.85 9.38
N LEU A 156 5.16 10.08 10.44
CA LEU A 156 6.21 9.31 11.10
C LEU A 156 6.83 8.28 10.18
N GLN A 157 6.00 7.56 9.41
CA GLN A 157 6.54 6.54 8.52
C GLN A 157 7.33 7.15 7.38
N ALA A 158 6.98 8.38 6.97
CA ALA A 158 7.77 9.07 5.94
C ALA A 158 9.15 9.39 6.48
N THR A 159 9.23 9.94 7.69
CA THR A 159 10.52 10.21 8.32
C THR A 159 11.26 8.90 8.60
N PHE A 160 10.56 7.90 9.14
CA PHE A 160 11.20 6.61 9.40
C PHE A 160 11.75 6.00 8.12
N GLY A 161 11.09 6.25 6.98
CA GLY A 161 11.60 5.81 5.71
C GLY A 161 12.93 6.45 5.37
N ASP A 162 12.93 7.78 5.18
CA ASP A 162 14.17 8.49 4.85
C ASP A 162 15.27 8.21 5.88
N LEU A 163 14.89 7.89 7.11
CA LEU A 163 15.88 7.64 8.14
C LEU A 163 16.59 6.31 7.92
N LEU A 164 15.85 5.26 7.56
CA LEU A 164 16.40 3.91 7.51
C LEU A 164 16.24 3.21 6.17
N ALA A 165 15.63 3.84 5.17
CA ALA A 165 15.53 3.19 3.86
C ALA A 165 16.87 2.86 3.24
N PRO A 166 17.89 3.74 3.25
CA PRO A 166 19.19 3.35 2.71
C PRO A 166 19.86 2.19 3.46
N ARG A 167 19.33 1.79 4.61
CA ARG A 167 19.88 0.66 5.37
C ARG A 167 19.00 -0.58 5.32
N ILE A 168 17.68 -0.42 5.45
CA ILE A 168 16.80 -1.59 5.50
C ILE A 168 16.32 -2.02 4.12
N VAL A 169 16.30 -1.12 3.15
CA VAL A 169 16.02 -1.48 1.76
C VAL A 169 17.12 -0.88 0.90
N PRO A 170 18.24 -1.59 0.71
CA PRO A 170 19.37 -0.99 -0.01
C PRO A 170 19.09 -0.71 -1.47
N GLU A 171 18.12 -1.38 -2.08
CA GLU A 171 17.78 -1.14 -3.47
C GLU A 171 16.87 0.07 -3.66
N SER A 172 16.57 0.81 -2.59
CA SER A 172 15.72 1.99 -2.70
C SER A 172 16.41 3.12 -3.45
N ASN A 173 17.74 3.14 -3.48
CA ASN A 173 18.47 4.14 -4.25
C ASN A 173 18.56 3.81 -5.74
N VAL A 174 18.09 2.63 -6.13
CA VAL A 174 18.17 2.20 -7.52
C VAL A 174 17.10 2.92 -8.34
N ARG A 175 17.50 3.45 -9.49
CA ARG A 175 16.59 4.06 -10.45
C ARG A 175 16.71 3.32 -11.77
N LEU A 176 15.58 2.90 -12.32
CA LEU A 176 15.55 2.16 -13.57
C LEU A 176 15.16 3.08 -14.72
N THR A 177 15.80 2.86 -15.87
CA THR A 177 15.43 3.59 -17.07
C THR A 177 14.12 3.04 -17.65
N ALA A 178 13.59 3.75 -18.65
CA ALA A 178 12.33 3.33 -19.24
C ALA A 178 12.44 1.94 -19.87
N ARG A 179 13.50 1.70 -20.64
CA ARG A 179 13.68 0.39 -21.26
C ARG A 179 13.80 -0.70 -20.21
N GLU A 180 14.69 -0.51 -19.23
CA GLU A 180 14.85 -1.51 -18.17
C GLU A 180 13.53 -1.79 -17.46
N THR A 181 12.70 -0.76 -17.29
CA THR A 181 11.43 -0.94 -16.59
C THR A 181 10.51 -1.88 -17.35
N GLU A 182 10.35 -1.64 -18.66
CA GLU A 182 9.42 -2.46 -19.44
C GLU A 182 9.98 -3.84 -19.75
N MET A 183 11.31 -4.01 -19.77
CA MET A 183 11.87 -5.35 -19.86
C MET A 183 11.43 -6.20 -18.66
N LEU A 184 11.47 -5.62 -17.47
CA LEU A 184 11.04 -6.34 -16.28
C LEU A 184 9.52 -6.51 -16.25
N LYS A 185 8.78 -5.54 -16.81
CA LYS A 185 7.33 -5.67 -16.87
C LYS A 185 6.93 -6.92 -17.64
N TRP A 186 7.56 -7.15 -18.80
CA TRP A 186 7.27 -8.34 -19.57
C TRP A 186 7.93 -9.58 -18.98
N THR A 187 9.08 -9.43 -18.32
CA THR A 187 9.66 -10.56 -17.61
C THR A 187 8.76 -11.01 -16.47
N ALA A 188 7.91 -10.11 -15.95
CA ALA A 188 7.02 -10.46 -14.86
C ALA A 188 6.00 -11.51 -15.27
N VAL A 189 5.55 -11.48 -16.52
CA VAL A 189 4.51 -12.39 -16.99
C VAL A 189 5.13 -13.60 -17.70
N GLY A 190 6.42 -13.85 -17.49
CA GLY A 190 7.06 -15.04 -18.00
C GLY A 190 7.48 -14.98 -19.46
N LYS A 191 7.66 -13.80 -20.02
CA LYS A 191 8.13 -13.69 -21.39
C LYS A 191 9.63 -13.98 -21.47
N THR A 192 10.04 -14.59 -22.58
CA THR A 192 11.44 -14.86 -22.82
C THR A 192 12.13 -13.64 -23.44
N TYR A 193 13.43 -13.77 -23.68
CA TYR A 193 14.17 -12.67 -24.30
C TYR A 193 13.69 -12.41 -25.72
N GLY A 194 13.47 -13.47 -26.50
CA GLY A 194 13.05 -13.30 -27.89
C GLY A 194 11.62 -12.81 -28.01
N GLU A 195 10.74 -13.28 -27.13
CA GLU A 195 9.35 -12.84 -27.16
C GLU A 195 9.24 -11.34 -26.92
N ILE A 196 10.00 -10.82 -25.96
CA ILE A 196 9.98 -9.38 -25.68
C ILE A 196 10.53 -8.60 -26.87
N GLY A 197 11.55 -9.14 -27.53
CA GLY A 197 12.13 -8.44 -28.67
C GLY A 197 11.14 -8.23 -29.80
N LEU A 198 10.34 -9.25 -30.10
CA LEU A 198 9.31 -9.10 -31.12
C LEU A 198 8.19 -8.18 -30.64
N ILE A 199 7.79 -8.33 -29.37
CA ILE A 199 6.73 -7.50 -28.81
C ILE A 199 7.09 -6.02 -28.92
N LEU A 200 8.34 -5.68 -28.58
CA LEU A 200 8.80 -4.29 -28.59
C LEU A 200 9.50 -3.91 -29.89
N SER A 201 9.66 -4.84 -30.83
CA SER A 201 10.30 -4.57 -32.11
C SER A 201 11.71 -4.04 -31.91
N ILE A 202 12.46 -4.68 -31.02
CA ILE A 202 13.86 -4.36 -30.81
C ILE A 202 14.65 -5.66 -30.76
N ASP A 203 15.97 -5.52 -30.91
CA ASP A 203 16.83 -6.69 -31.00
C ASP A 203 16.82 -7.45 -29.67
N GLN A 204 16.92 -8.78 -29.77
CA GLN A 204 16.89 -9.61 -28.57
C GLN A 204 18.08 -9.32 -27.68
N ARG A 205 19.25 -9.05 -28.27
CA ARG A 205 20.42 -8.75 -27.48
C ARG A 205 20.26 -7.46 -26.68
N THR A 206 19.51 -6.49 -27.22
CA THR A 206 19.25 -5.27 -26.46
C THR A 206 18.33 -5.55 -25.28
N VAL A 207 17.39 -6.48 -25.44
CA VAL A 207 16.54 -6.88 -24.32
C VAL A 207 17.40 -7.49 -23.22
N LYS A 208 18.24 -8.47 -23.57
CA LYS A 208 19.13 -9.07 -22.59
C LYS A 208 20.08 -8.05 -22.00
N PHE A 209 20.48 -7.04 -22.78
CA PHE A 209 21.34 -5.99 -22.28
C PHE A 209 20.71 -5.27 -21.10
N HIS A 210 19.49 -4.75 -21.29
CA HIS A 210 18.83 -4.01 -20.21
C HIS A 210 18.46 -4.91 -19.04
N ILE A 211 18.18 -6.19 -19.29
CA ILE A 211 17.86 -7.10 -18.20
C ILE A 211 19.08 -7.28 -17.29
N VAL A 212 20.24 -7.55 -17.88
CA VAL A 212 21.45 -7.74 -17.09
C VAL A 212 21.79 -6.48 -16.30
N ASN A 213 21.63 -5.31 -16.92
CA ASN A 213 21.90 -4.07 -16.22
C ASN A 213 20.95 -3.87 -15.06
N ALA A 214 19.68 -4.22 -15.23
CA ALA A 214 18.71 -4.09 -14.16
C ALA A 214 19.02 -5.07 -13.02
N MET A 215 19.46 -6.29 -13.36
CA MET A 215 19.86 -7.25 -12.34
C MET A 215 21.04 -6.72 -11.54
N ARG A 216 22.01 -6.10 -12.22
CA ARG A 216 23.18 -5.57 -11.53
C ARG A 216 22.82 -4.38 -10.66
N LYS A 217 21.92 -3.51 -11.13
CA LYS A 217 21.47 -2.40 -10.31
C LYS A 217 20.71 -2.88 -9.09
N LEU A 218 19.73 -3.77 -9.29
CA LEU A 218 18.92 -4.29 -8.20
C LEU A 218 19.63 -5.37 -7.39
N ASN A 219 20.89 -5.67 -7.71
CA ASN A 219 21.70 -6.62 -6.96
C ASN A 219 21.02 -7.99 -6.89
N SER A 220 20.75 -8.54 -8.07
CA SER A 220 20.06 -9.81 -8.19
C SER A 220 20.87 -10.75 -9.08
N SER A 221 20.69 -12.05 -8.85
CA SER A 221 21.43 -13.07 -9.59
C SER A 221 20.65 -13.65 -10.77
N ASN A 222 19.34 -13.46 -10.83
CA ASN A 222 18.53 -13.91 -11.94
C ASN A 222 17.45 -12.88 -12.24
N LYS A 223 16.94 -12.91 -13.48
CA LYS A 223 15.97 -11.91 -13.90
C LYS A 223 14.64 -12.07 -13.17
N ALA A 224 14.31 -13.28 -12.72
CA ALA A 224 13.07 -13.47 -11.98
C ALA A 224 13.11 -12.75 -10.64
N GLU A 225 14.22 -12.86 -9.91
CA GLU A 225 14.36 -12.15 -8.64
C GLU A 225 14.38 -10.64 -8.85
N ALA A 226 15.13 -10.18 -9.85
CA ALA A 226 15.21 -8.74 -10.10
C ALA A 226 13.84 -8.15 -10.42
N THR A 227 13.05 -8.89 -11.21
CA THR A 227 11.70 -8.42 -11.53
C THR A 227 10.85 -8.30 -10.27
N MET A 228 10.92 -9.29 -9.38
CA MET A 228 10.16 -9.23 -8.14
C MET A 228 10.63 -8.09 -7.25
N LYS A 229 11.95 -7.86 -7.19
CA LYS A 229 12.47 -6.75 -6.40
C LYS A 229 11.97 -5.42 -6.93
N ALA A 230 12.06 -5.22 -8.25
CA ALA A 230 11.62 -3.95 -8.84
C ALA A 230 10.13 -3.71 -8.58
N TYR A 231 9.32 -4.76 -8.64
CA TYR A 231 7.90 -4.60 -8.38
C TYR A 231 7.63 -4.20 -6.94
N ALA A 232 8.31 -4.85 -5.99
CA ALA A 232 8.06 -4.57 -4.58
C ALA A 232 8.43 -3.14 -4.21
N ILE A 233 9.48 -2.60 -4.84
CA ILE A 233 9.89 -1.23 -4.55
C ILE A 233 8.99 -0.21 -5.24
N GLY A 234 8.21 -0.63 -6.22
CA GLY A 234 7.36 0.28 -6.96
C GLY A 234 7.94 0.77 -8.26
N LEU A 235 9.05 0.18 -8.72
CA LEU A 235 9.66 0.61 -9.97
C LEU A 235 8.86 0.19 -11.18
N LEU A 236 7.92 -0.75 -11.03
CA LEU A 236 7.16 -1.29 -12.15
C LEU A 236 5.74 -0.73 -12.23
N ASN A 237 5.49 0.41 -11.60
CA ASN A 237 4.17 1.02 -11.67
C ASN A 237 4.11 2.06 -12.80
N GLU B 4 -18.89 16.03 11.57
CA GLU B 4 -19.58 14.87 12.11
C GLU B 4 -19.36 13.63 11.25
N ARG B 5 -18.29 12.89 11.54
CA ARG B 5 -17.95 11.69 10.79
C ARG B 5 -18.52 10.42 11.40
N GLU B 6 -19.31 10.54 12.47
CA GLU B 6 -19.84 9.34 13.12
C GLU B 6 -20.96 8.71 12.30
N GLY B 7 -21.74 9.53 11.59
CA GLY B 7 -22.84 8.98 10.81
C GLY B 7 -22.40 8.25 9.57
N TYR B 8 -21.25 8.62 9.01
CA TYR B 8 -20.76 7.97 7.79
C TYR B 8 -20.40 6.51 8.03
N LEU B 9 -19.95 6.17 9.23
CA LEU B 9 -19.48 4.81 9.49
C LEU B 9 -20.59 3.79 9.37
N GLU B 10 -21.84 4.19 9.63
CA GLU B 10 -23.00 3.33 9.42
C GLU B 10 -23.50 3.36 7.98
N ILE B 11 -23.25 4.44 7.26
CA ILE B 11 -23.70 4.54 5.87
C ILE B 11 -22.96 3.52 5.00
N LEU B 12 -21.64 3.47 5.14
CA LEU B 12 -20.83 2.53 4.36
C LEU B 12 -20.96 1.10 4.85
N SER B 13 -21.39 0.89 6.09
CA SER B 13 -21.57 -0.46 6.61
C SER B 13 -22.77 -1.17 6.01
N ARG B 14 -23.59 -0.48 5.22
CA ARG B 14 -24.77 -1.07 4.60
C ARG B 14 -24.79 -0.95 3.08
N ILE B 15 -23.91 -0.13 2.50
CA ILE B 15 -23.90 0.06 1.06
C ILE B 15 -23.40 -1.20 0.37
N THR B 16 -24.14 -1.66 -0.66
CA THR B 16 -23.81 -2.91 -1.32
C THR B 16 -23.92 -2.84 -2.85
N THR B 17 -23.87 -1.65 -3.43
CA THR B 17 -23.94 -1.53 -4.89
C THR B 17 -23.19 -0.29 -5.35
N GLU B 18 -22.88 -0.26 -6.64
CA GLU B 18 -22.13 0.87 -7.20
C GLU B 18 -22.95 2.15 -7.17
N GLU B 19 -24.25 2.06 -7.46
CA GLU B 19 -25.09 3.25 -7.49
C GLU B 19 -25.19 3.91 -6.13
N GLU B 20 -25.21 3.12 -5.06
CA GLU B 20 -25.11 3.69 -3.72
C GLU B 20 -23.75 4.33 -3.50
N PHE B 21 -22.68 3.70 -4.00
CA PHE B 21 -21.36 4.30 -3.93
C PHE B 21 -21.26 5.51 -4.84
N PHE B 22 -21.89 5.44 -6.02
CA PHE B 22 -21.90 6.59 -6.92
C PHE B 22 -22.65 7.76 -6.31
N SER B 23 -23.69 7.49 -5.52
CA SER B 23 -24.50 8.55 -4.94
C SER B 23 -23.86 9.11 -3.66
N LEU B 24 -23.25 8.25 -2.85
CA LEU B 24 -22.67 8.72 -1.60
C LEU B 24 -21.47 9.64 -1.84
N VAL B 25 -20.54 9.22 -2.70
CA VAL B 25 -19.38 10.03 -2.99
C VAL B 25 -19.79 11.35 -3.65
N LEU B 26 -20.87 11.33 -4.43
CA LEU B 26 -21.37 12.57 -5.02
C LEU B 26 -21.92 13.50 -3.95
N GLU B 27 -22.62 12.95 -2.95
CA GLU B 27 -23.15 13.79 -1.88
C GLU B 27 -22.03 14.36 -1.03
N ILE B 28 -21.03 13.55 -0.69
CA ILE B 28 -19.90 14.04 0.08
C ILE B 28 -19.08 15.04 -0.75
N CYS B 29 -19.08 14.87 -2.07
CA CYS B 29 -18.35 15.81 -2.93
C CYS B 29 -18.91 17.22 -2.80
N GLY B 30 -20.24 17.35 -2.77
CA GLY B 30 -20.86 18.66 -2.66
C GLY B 30 -20.94 19.21 -1.25
N ASN B 31 -20.94 18.33 -0.24
CA ASN B 31 -21.04 18.77 1.14
C ASN B 31 -19.80 19.50 1.62
N TYR B 32 -18.69 19.45 0.87
CA TYR B 32 -17.46 20.11 1.26
C TYR B 32 -17.00 21.13 0.22
N GLY B 33 -17.91 21.60 -0.63
CA GLY B 33 -17.61 22.66 -1.58
C GLY B 33 -16.89 22.22 -2.83
N PHE B 34 -17.38 21.16 -3.48
CA PHE B 34 -16.80 20.68 -4.73
C PHE B 34 -17.90 20.21 -5.65
N GLU B 35 -17.74 20.48 -6.95
CA GLU B 35 -18.77 20.16 -7.93
C GLU B 35 -18.53 18.82 -8.61
N PHE B 36 -17.27 18.47 -8.85
CA PHE B 36 -16.90 17.26 -9.56
C PHE B 36 -16.10 16.34 -8.66
N PHE B 37 -16.33 15.04 -8.79
CA PHE B 37 -15.58 14.03 -8.06
C PHE B 37 -15.12 12.95 -9.04
N SER B 38 -14.11 12.20 -8.61
CA SER B 38 -13.59 11.11 -9.44
C SER B 38 -12.84 10.15 -8.52
N PHE B 39 -13.42 8.97 -8.30
CA PHE B 39 -12.81 7.93 -7.48
C PHE B 39 -12.32 6.83 -8.41
N GLY B 40 -11.03 6.83 -8.70
CA GLY B 40 -10.42 5.86 -9.59
C GLY B 40 -9.56 4.86 -8.83
N ALA B 41 -9.59 3.62 -9.29
CA ALA B 41 -8.80 2.54 -8.70
C ALA B 41 -8.02 1.84 -9.81
N ARG B 42 -6.77 1.50 -9.51
CA ARG B 42 -5.90 0.83 -10.46
C ARG B 42 -5.62 -0.58 -9.97
N ALA B 43 -6.24 -1.57 -10.60
CA ALA B 43 -5.98 -2.95 -10.26
C ALA B 43 -4.56 -3.33 -10.70
N PRO B 44 -3.89 -4.21 -9.94
CA PRO B 44 -2.54 -4.64 -10.34
C PRO B 44 -2.53 -5.54 -11.55
N PHE B 45 -3.69 -5.90 -12.09
CA PHE B 45 -3.77 -6.80 -13.24
C PHE B 45 -4.46 -6.12 -14.42
N PRO B 46 -3.96 -6.37 -15.64
CA PRO B 46 -2.78 -7.20 -15.91
C PRO B 46 -1.47 -6.50 -15.58
N LEU B 47 -0.44 -7.29 -15.26
CA LEU B 47 0.82 -6.74 -14.79
C LEU B 47 1.51 -5.87 -15.82
N THR B 48 1.17 -6.03 -17.11
CA THR B 48 1.78 -5.20 -18.15
C THR B 48 1.12 -3.83 -18.21
N ALA B 49 -0.10 -3.77 -18.75
CA ALA B 49 -0.88 -2.54 -18.81
C ALA B 49 -2.07 -2.65 -17.87
N PRO B 50 -1.95 -2.17 -16.63
CA PRO B 50 -3.00 -2.40 -15.63
C PRO B 50 -4.29 -1.68 -16.00
N LYS B 51 -5.41 -2.30 -15.58
CA LYS B 51 -6.73 -1.81 -15.91
C LYS B 51 -7.22 -0.84 -14.85
N TYR B 52 -7.75 0.29 -15.28
CA TYR B 52 -8.30 1.30 -14.40
C TYR B 52 -9.82 1.21 -14.39
N HIS B 53 -10.43 1.64 -13.29
N HIS B 53 -10.42 1.67 -13.30
CA HIS B 53 -11.87 1.70 -13.17
CA HIS B 53 -11.87 1.69 -13.14
C HIS B 53 -12.25 2.96 -12.41
C HIS B 53 -12.25 2.97 -12.40
N PHE B 54 -12.97 3.86 -13.06
CA PHE B 54 -13.35 5.15 -12.50
C PHE B 54 -14.86 5.20 -12.27
N LEU B 55 -15.25 6.01 -11.28
CA LEU B 55 -16.65 6.35 -11.01
C LEU B 55 -16.70 7.84 -10.76
N SER B 56 -17.19 8.60 -11.73
CA SER B 56 -17.16 10.05 -11.66
C SER B 56 -18.43 10.63 -12.26
N ASN B 57 -18.74 11.87 -11.85
CA ASN B 57 -19.85 12.63 -12.40
C ASN B 57 -19.40 13.68 -13.41
N TYR B 58 -18.24 13.47 -14.02
CA TYR B 58 -17.74 14.39 -15.03
C TYR B 58 -18.74 14.50 -16.19
N PRO B 59 -18.65 15.57 -16.99
CA PRO B 59 -19.52 15.69 -18.16
C PRO B 59 -19.43 14.46 -19.06
N GLY B 60 -20.56 14.10 -19.66
CA GLY B 60 -20.60 12.91 -20.49
C GLY B 60 -19.61 12.94 -21.64
N GLU B 61 -19.33 14.13 -22.16
CA GLU B 61 -18.31 14.26 -23.20
C GLU B 61 -16.93 13.91 -22.67
N TRP B 62 -16.65 14.24 -21.41
CA TRP B 62 -15.34 13.97 -20.84
C TRP B 62 -15.18 12.54 -20.36
N LYS B 63 -16.27 11.92 -19.89
CA LYS B 63 -16.19 10.53 -19.44
C LYS B 63 -15.89 9.58 -20.60
N SER B 64 -16.29 9.94 -21.82
CA SER B 64 -16.02 9.12 -22.99
C SER B 64 -14.72 9.50 -23.69
N ARG B 65 -14.35 10.78 -23.67
CA ARG B 65 -13.10 11.22 -24.27
C ARG B 65 -11.87 10.84 -23.45
N TYR B 66 -12.05 10.61 -22.14
CA TYR B 66 -10.91 10.21 -21.31
C TYR B 66 -10.42 8.81 -21.67
N ILE B 67 -11.31 7.96 -22.18
CA ILE B 67 -10.94 6.60 -22.52
C ILE B 67 -10.46 6.45 -23.95
N SER B 68 -10.93 7.32 -24.86
CA SER B 68 -10.61 7.17 -26.27
C SER B 68 -9.14 7.47 -26.55
N GLU B 69 -8.50 8.32 -25.74
CA GLU B 69 -7.13 8.74 -25.99
C GLU B 69 -6.14 8.19 -24.96
N ASP B 70 -6.60 7.36 -24.02
CA ASP B 70 -5.76 6.79 -22.97
C ASP B 70 -5.05 7.90 -22.19
N TYR B 71 -5.85 8.74 -21.55
CA TYR B 71 -5.31 9.86 -20.79
C TYR B 71 -4.58 9.43 -19.54
N THR B 72 -4.78 8.19 -19.07
CA THR B 72 -4.09 7.73 -17.87
C THR B 72 -2.58 7.67 -18.08
N SER B 73 -2.14 7.40 -19.31
CA SER B 73 -0.72 7.32 -19.58
C SER B 73 -0.04 8.69 -19.56
N ILE B 74 -0.81 9.77 -19.64
CA ILE B 74 -0.25 11.12 -19.64
C ILE B 74 -0.71 11.95 -18.45
N ASP B 75 -1.76 11.55 -17.75
CA ASP B 75 -2.29 12.34 -16.63
C ASP B 75 -1.30 12.40 -15.49
N PRO B 76 -0.79 13.58 -15.12
CA PRO B 76 0.11 13.66 -13.95
C PRO B 76 -0.60 13.44 -12.63
N ILE B 77 -1.93 13.56 -12.59
CA ILE B 77 -2.67 13.26 -11.37
C ILE B 77 -2.64 11.77 -11.07
N VAL B 78 -2.72 10.93 -12.11
CA VAL B 78 -2.57 9.49 -11.92
C VAL B 78 -1.14 9.17 -11.50
N ARG B 79 -0.16 9.88 -12.06
CA ARG B 79 1.25 9.60 -11.77
C ARG B 79 1.58 9.86 -10.31
N HIS B 80 0.95 10.87 -9.70
CA HIS B 80 1.24 11.17 -8.30
C HIS B 80 0.77 10.05 -7.38
N GLY B 81 -0.42 9.49 -7.65
CA GLY B 81 -0.91 8.39 -6.84
C GLY B 81 -0.17 7.10 -7.02
N LEU B 82 0.61 6.97 -8.11
CA LEU B 82 1.36 5.75 -8.35
C LEU B 82 2.73 5.76 -7.68
N LEU B 83 3.35 6.93 -7.56
CA LEU B 83 4.70 7.04 -7.03
C LEU B 83 4.77 7.68 -5.65
N GLU B 84 3.76 8.46 -5.26
CA GLU B 84 3.77 9.16 -3.98
C GLU B 84 2.64 8.66 -3.09
N TYR B 85 2.73 8.99 -1.81
CA TYR B 85 1.77 8.54 -0.81
C TYR B 85 1.19 9.71 -0.02
N THR B 86 1.23 10.91 -0.58
CA THR B 86 0.74 12.10 0.08
C THR B 86 -0.31 12.80 -0.79
N PRO B 87 -1.24 13.54 -0.18
CA PRO B 87 -2.26 14.23 -0.98
C PRO B 87 -1.64 15.28 -1.90
N LEU B 88 -2.43 15.71 -2.89
CA LEU B 88 -1.98 16.66 -3.88
C LEU B 88 -3.02 17.74 -4.11
N ILE B 89 -2.60 19.00 -4.03
CA ILE B 89 -3.43 20.14 -4.39
C ILE B 89 -2.94 20.64 -5.76
N TRP B 90 -3.84 20.68 -6.73
CA TRP B 90 -3.47 21.01 -8.10
C TRP B 90 -4.42 22.03 -8.68
N ASN B 91 -3.87 22.92 -9.50
CA ASN B 91 -4.64 23.87 -10.30
C ASN B 91 -4.40 23.54 -11.76
N GLY B 92 -5.48 23.41 -12.53
CA GLY B 92 -5.39 22.93 -13.90
C GLY B 92 -4.59 23.81 -14.84
N GLU B 93 -4.15 24.98 -14.39
CA GLU B 93 -3.40 25.90 -15.22
C GLU B 93 -1.91 25.90 -14.93
N ASP B 94 -1.45 25.17 -13.91
CA ASP B 94 -0.06 25.21 -13.49
C ASP B 94 0.81 24.22 -14.25
N PHE B 95 0.25 23.10 -14.71
CA PHE B 95 1.05 22.05 -15.32
C PHE B 95 1.57 22.47 -16.68
N GLN B 96 2.85 22.19 -16.92
CA GLN B 96 3.56 22.63 -18.11
C GLN B 96 3.45 21.61 -19.25
N GLU B 97 3.74 20.35 -18.97
CA GLU B 97 3.69 19.31 -19.98
C GLU B 97 2.25 18.84 -20.19
N ASN B 98 2.03 18.19 -21.33
CA ASN B 98 0.70 17.70 -21.72
C ASN B 98 -0.32 18.84 -21.72
N ARG B 99 0.01 19.91 -22.45
CA ARG B 99 -0.89 21.06 -22.51
C ARG B 99 -2.18 20.73 -23.25
N PHE B 100 -2.12 19.87 -24.27
CA PHE B 100 -3.32 19.47 -24.98
C PHE B 100 -4.28 18.70 -24.07
N PHE B 101 -3.77 18.10 -23.00
CA PHE B 101 -4.62 17.41 -22.04
C PHE B 101 -5.23 18.38 -21.03
N TRP B 102 -4.44 19.34 -20.55
CA TRP B 102 -4.93 20.28 -19.55
C TRP B 102 -5.77 21.39 -20.17
N GLU B 103 -5.40 21.86 -21.36
CA GLU B 103 -6.23 22.85 -22.04
C GLU B 103 -7.60 22.27 -22.38
N GLU B 104 -7.66 20.97 -22.64
CA GLU B 104 -8.95 20.31 -22.87
C GLU B 104 -9.67 20.02 -21.56
N ALA B 105 -8.94 19.69 -20.49
CA ALA B 105 -9.58 19.40 -19.21
C ALA B 105 -10.10 20.66 -18.55
N LEU B 106 -9.43 21.80 -18.76
CA LEU B 106 -9.91 23.06 -18.21
C LEU B 106 -11.22 23.51 -18.85
N HIS B 107 -11.55 22.98 -20.02
CA HIS B 107 -12.78 23.38 -20.70
C HIS B 107 -14.02 22.80 -20.02
N HIS B 108 -13.89 21.60 -19.42
CA HIS B 108 -15.01 20.93 -18.79
C HIS B 108 -15.18 21.31 -17.32
N GLY B 109 -14.50 22.35 -16.86
CA GLY B 109 -14.62 22.76 -15.48
C GLY B 109 -13.75 22.00 -14.50
N ILE B 110 -12.74 21.29 -14.98
CA ILE B 110 -11.84 20.53 -14.12
C ILE B 110 -10.60 21.38 -13.94
N ARG B 111 -10.63 22.24 -12.91
CA ARG B 111 -9.56 23.22 -12.69
C ARG B 111 -8.96 23.07 -11.29
N HIS B 112 -9.71 23.38 -10.24
CA HIS B 112 -9.21 23.30 -8.87
C HIS B 112 -9.70 22.00 -8.24
N GLY B 113 -8.76 21.11 -7.91
CA GLY B 113 -9.11 19.81 -7.37
C GLY B 113 -8.21 19.42 -6.21
N TRP B 114 -8.62 18.34 -5.54
CA TRP B 114 -7.88 17.80 -4.40
C TRP B 114 -7.93 16.29 -4.51
N SER B 115 -6.77 15.67 -4.72
CA SER B 115 -6.66 14.23 -4.91
C SER B 115 -5.91 13.59 -3.75
N ILE B 116 -6.41 12.45 -3.28
CA ILE B 116 -5.85 11.78 -2.10
C ILE B 116 -5.51 10.33 -2.44
N PRO B 117 -4.24 10.00 -2.63
CA PRO B 117 -3.87 8.61 -2.95
C PRO B 117 -3.86 7.73 -1.71
N VAL B 118 -4.45 6.54 -1.85
CA VAL B 118 -4.47 5.55 -0.78
C VAL B 118 -4.27 4.17 -1.39
N ARG B 119 -3.61 3.31 -0.62
CA ARG B 119 -3.49 1.91 -0.99
C ARG B 119 -4.62 1.10 -0.35
N GLY B 120 -4.95 -0.03 -0.97
CA GLY B 120 -6.02 -0.88 -0.49
C GLY B 120 -5.64 -2.35 -0.61
N LYS B 121 -6.56 -3.20 -0.17
CA LYS B 121 -6.33 -4.64 -0.25
C LYS B 121 -6.26 -5.08 -1.71
N TYR B 122 -5.62 -6.23 -1.92
CA TYR B 122 -5.51 -6.85 -3.24
C TYR B 122 -4.77 -5.95 -4.22
N GLY B 123 -3.76 -5.22 -3.72
CA GLY B 123 -2.95 -4.37 -4.58
C GLY B 123 -3.68 -3.22 -5.24
N LEU B 124 -4.79 -2.76 -4.65
CA LEU B 124 -5.53 -1.63 -5.22
C LEU B 124 -4.84 -0.32 -4.89
N ILE B 125 -4.50 0.44 -5.92
CA ILE B 125 -4.01 1.81 -5.74
C ILE B 125 -5.13 2.77 -6.11
N SER B 126 -5.91 3.20 -5.13
CA SER B 126 -7.05 4.07 -5.36
C SER B 126 -6.70 5.51 -5.06
N MET B 127 -7.62 6.40 -5.43
CA MET B 127 -7.45 7.84 -5.18
C MET B 127 -8.80 8.53 -5.29
N LEU B 128 -9.12 9.33 -4.29
CA LEU B 128 -10.33 10.16 -4.30
C LEU B 128 -9.97 11.57 -4.73
N SER B 129 -10.65 12.07 -5.77
CA SER B 129 -10.36 13.37 -6.34
C SER B 129 -11.63 14.20 -6.35
N LEU B 130 -11.64 15.30 -5.61
CA LEU B 130 -12.75 16.25 -5.58
C LEU B 130 -12.34 17.51 -6.32
N VAL B 131 -13.00 17.78 -7.45
CA VAL B 131 -12.63 18.90 -8.32
C VAL B 131 -13.77 19.92 -8.34
N ARG B 132 -13.40 21.19 -8.51
CA ARG B 132 -14.36 22.26 -8.68
C ARG B 132 -13.80 23.27 -9.68
N SER B 133 -14.71 23.95 -10.38
CA SER B 133 -14.34 24.89 -11.42
C SER B 133 -14.12 26.30 -10.91
N SER B 134 -14.07 26.49 -9.59
CA SER B 134 -13.98 27.83 -9.03
C SER B 134 -13.29 27.77 -7.67
N GLU B 135 -12.58 28.86 -7.34
CA GLU B 135 -11.95 29.05 -6.03
C GLU B 135 -10.83 28.05 -5.77
N SER B 136 -9.59 28.51 -5.82
CA SER B 136 -8.47 27.66 -5.48
C SER B 136 -8.46 27.32 -3.99
N ILE B 137 -7.97 26.13 -3.66
CA ILE B 137 -7.98 25.65 -2.29
C ILE B 137 -6.80 26.27 -1.56
N ALA B 138 -7.08 27.15 -0.60
CA ALA B 138 -6.04 27.83 0.16
C ALA B 138 -5.66 27.03 1.40
N ALA B 139 -4.63 27.51 2.10
CA ALA B 139 -4.13 26.80 3.27
C ALA B 139 -5.12 26.84 4.42
N THR B 140 -5.94 27.88 4.51
CA THR B 140 -6.94 27.96 5.57
C THR B 140 -8.09 26.98 5.33
N GLU B 141 -8.41 26.71 4.06
CA GLU B 141 -9.46 25.75 3.75
C GLU B 141 -8.96 24.32 3.84
N ILE B 142 -7.66 24.09 3.57
CA ILE B 142 -7.10 22.74 3.65
C ILE B 142 -7.12 22.24 5.08
N LEU B 143 -6.51 22.98 6.00
CA LEU B 143 -6.43 22.56 7.39
C LEU B 143 -7.79 22.47 8.06
N GLU B 144 -8.86 22.92 7.40
CA GLU B 144 -10.20 22.72 7.93
C GLU B 144 -10.71 21.32 7.65
N LYS B 145 -10.39 20.77 6.47
CA LYS B 145 -10.92 19.48 6.04
C LYS B 145 -9.84 18.49 5.66
N GLU B 146 -8.58 18.75 6.05
CA GLU B 146 -7.49 17.86 5.66
C GLU B 146 -7.58 16.51 6.39
N SER B 147 -7.72 16.55 7.71
CA SER B 147 -7.74 15.32 8.48
C SER B 147 -8.97 14.47 8.18
N PHE B 148 -10.10 15.11 7.84
CA PHE B 148 -11.30 14.35 7.53
C PHE B 148 -11.20 13.69 6.17
N LEU B 149 -10.86 14.46 5.14
CA LEU B 149 -10.79 13.91 3.79
C LEU B 149 -9.77 12.78 3.69
N LEU B 150 -8.75 12.79 4.55
CA LEU B 150 -7.83 11.66 4.62
C LEU B 150 -8.50 10.44 5.25
N TRP B 151 -9.40 10.67 6.22
CA TRP B 151 -10.07 9.55 6.88
C TRP B 151 -11.12 8.91 5.97
N ILE B 152 -11.93 9.73 5.30
CA ILE B 152 -13.00 9.19 4.47
C ILE B 152 -12.43 8.50 3.23
N THR B 153 -11.30 8.98 2.72
CA THR B 153 -10.70 8.36 1.54
C THR B 153 -10.30 6.91 1.84
N SER B 154 -9.78 6.66 3.04
CA SER B 154 -9.45 5.29 3.43
C SER B 154 -10.71 4.45 3.64
N MET B 155 -11.76 5.05 4.18
CA MET B 155 -13.01 4.33 4.38
C MET B 155 -13.71 4.09 3.06
N LEU B 156 -13.68 5.07 2.15
CA LEU B 156 -14.33 4.90 0.84
C LEU B 156 -13.69 3.77 0.06
N GLN B 157 -12.37 3.76 -0.04
CA GLN B 157 -11.69 2.70 -0.78
C GLN B 157 -11.78 1.36 -0.08
N ALA B 158 -12.01 1.35 1.23
CA ALA B 158 -12.19 0.08 1.93
C ALA B 158 -13.52 -0.57 1.57
N THR B 159 -14.59 0.23 1.55
CA THR B 159 -15.88 -0.29 1.12
C THR B 159 -15.89 -0.54 -0.39
N PHE B 160 -15.32 0.38 -1.17
CA PHE B 160 -15.18 0.16 -2.61
C PHE B 160 -14.33 -1.08 -2.89
N GLY B 161 -13.39 -1.39 -2.00
CA GLY B 161 -12.59 -2.59 -2.13
C GLY B 161 -13.43 -3.85 -2.09
N ASP B 162 -14.05 -4.11 -0.94
CA ASP B 162 -14.90 -5.29 -0.77
C ASP B 162 -16.10 -5.30 -1.71
N LEU B 163 -16.42 -4.18 -2.35
CA LEU B 163 -17.57 -4.08 -3.24
C LEU B 163 -17.26 -4.58 -4.65
N LEU B 164 -16.17 -4.08 -5.25
CA LEU B 164 -15.85 -4.41 -6.64
C LEU B 164 -14.55 -5.20 -6.77
N ALA B 165 -14.06 -5.80 -5.69
CA ALA B 165 -12.89 -6.66 -5.81
C ALA B 165 -13.16 -7.90 -6.64
N PRO B 166 -14.25 -8.66 -6.44
CA PRO B 166 -14.48 -9.84 -7.30
C PRO B 166 -14.65 -9.51 -8.77
N ARG B 167 -14.84 -8.24 -9.13
CA ARG B 167 -14.95 -7.84 -10.53
C ARG B 167 -13.59 -7.55 -11.14
N ILE B 168 -12.85 -6.59 -10.58
CA ILE B 168 -11.59 -6.16 -11.17
C ILE B 168 -10.39 -6.93 -10.62
N VAL B 169 -10.54 -7.60 -9.48
CA VAL B 169 -9.48 -8.46 -8.93
C VAL B 169 -10.09 -9.83 -8.67
N PRO B 170 -10.33 -10.65 -9.70
CA PRO B 170 -10.96 -11.96 -9.46
C PRO B 170 -10.11 -12.89 -8.62
N GLU B 171 -8.80 -12.65 -8.54
CA GLU B 171 -7.91 -13.49 -7.74
C GLU B 171 -7.92 -13.11 -6.26
N SER B 172 -8.73 -12.14 -5.86
CA SER B 172 -8.78 -11.76 -4.45
C SER B 172 -9.34 -12.88 -3.57
N ASN B 173 -10.26 -13.67 -4.12
CA ASN B 173 -10.86 -14.80 -3.40
C ASN B 173 -9.97 -16.02 -3.37
N VAL B 174 -8.76 -15.96 -3.92
CA VAL B 174 -7.87 -17.10 -3.98
C VAL B 174 -7.27 -17.34 -2.60
N ARG B 175 -7.26 -18.60 -2.17
CA ARG B 175 -6.61 -19.02 -0.94
C ARG B 175 -5.57 -20.07 -1.30
N LEU B 176 -4.33 -19.84 -0.90
CA LEU B 176 -3.23 -20.75 -1.19
C LEU B 176 -2.89 -21.56 0.05
N THR B 177 -2.60 -22.85 -0.15
CA THR B 177 -2.22 -23.70 0.96
C THR B 177 -0.83 -23.33 1.46
N ALA B 178 -0.46 -23.92 2.60
CA ALA B 178 0.85 -23.63 3.18
C ALA B 178 1.97 -24.05 2.24
N ARG B 179 1.82 -25.19 1.57
CA ARG B 179 2.84 -25.64 0.63
C ARG B 179 2.89 -24.74 -0.60
N GLU B 180 1.73 -24.42 -1.17
CA GLU B 180 1.68 -23.60 -2.39
C GLU B 180 2.28 -22.22 -2.15
N THR B 181 2.14 -21.67 -0.95
CA THR B 181 2.66 -20.32 -0.68
C THR B 181 4.18 -20.31 -0.66
N GLU B 182 4.80 -21.27 0.03
CA GLU B 182 6.25 -21.31 0.09
C GLU B 182 6.86 -21.71 -1.26
N MET B 183 6.12 -22.45 -2.09
CA MET B 183 6.61 -22.73 -3.43
C MET B 183 6.73 -21.46 -4.26
N LEU B 184 5.77 -20.54 -4.11
CA LEU B 184 5.81 -19.28 -4.83
C LEU B 184 6.79 -18.29 -4.20
N LYS B 185 6.96 -18.35 -2.88
CA LYS B 185 7.94 -17.48 -2.23
C LYS B 185 9.34 -17.75 -2.76
N TRP B 186 9.66 -19.01 -3.04
CA TRP B 186 10.98 -19.33 -3.57
C TRP B 186 11.06 -19.17 -5.08
N THR B 187 9.93 -19.34 -5.78
CA THR B 187 9.90 -18.99 -7.20
C THR B 187 10.08 -17.51 -7.41
N ALA B 188 9.69 -16.68 -6.43
CA ALA B 188 9.87 -15.25 -6.56
C ALA B 188 11.34 -14.87 -6.69
N VAL B 189 12.24 -15.60 -6.03
CA VAL B 189 13.67 -15.37 -6.14
C VAL B 189 14.31 -16.24 -7.23
N GLY B 190 13.52 -16.75 -8.16
CA GLY B 190 14.08 -17.40 -9.33
C GLY B 190 14.66 -18.77 -9.07
N LYS B 191 14.16 -19.48 -8.06
CA LYS B 191 14.61 -20.85 -7.81
C LYS B 191 13.95 -21.82 -8.78
N THR B 192 14.74 -22.77 -9.27
CA THR B 192 14.21 -23.81 -10.13
C THR B 192 13.52 -24.90 -9.29
N TYR B 193 12.87 -25.84 -9.98
CA TYR B 193 12.23 -26.94 -9.27
C TYR B 193 13.24 -27.79 -8.51
N GLY B 194 14.44 -27.97 -9.08
CA GLY B 194 15.47 -28.71 -8.37
C GLY B 194 16.03 -27.95 -7.19
N GLU B 195 16.18 -26.64 -7.32
CA GLU B 195 16.69 -25.84 -6.21
C GLU B 195 15.70 -25.80 -5.05
N ILE B 196 14.40 -25.79 -5.35
CA ILE B 196 13.39 -25.81 -4.31
C ILE B 196 13.35 -27.18 -3.64
N GLY B 197 13.63 -28.24 -4.39
CA GLY B 197 13.61 -29.58 -3.83
C GLY B 197 14.60 -29.75 -2.69
N LEU B 198 15.83 -29.25 -2.88
CA LEU B 198 16.83 -29.35 -1.82
C LEU B 198 16.50 -28.45 -0.64
N ILE B 199 15.85 -27.31 -0.88
CA ILE B 199 15.53 -26.39 0.20
C ILE B 199 14.44 -26.98 1.10
N LEU B 200 13.41 -27.56 0.50
CA LEU B 200 12.27 -28.09 1.25
C LEU B 200 12.35 -29.60 1.46
N SER B 201 13.38 -30.26 0.93
CA SER B 201 13.64 -31.68 1.18
C SER B 201 12.46 -32.55 0.73
N ILE B 202 12.01 -32.33 -0.50
CA ILE B 202 10.98 -33.15 -1.12
C ILE B 202 11.36 -33.36 -2.59
N ASP B 203 10.58 -34.18 -3.28
CA ASP B 203 10.86 -34.53 -4.67
C ASP B 203 10.52 -33.36 -5.59
N GLN B 204 11.13 -33.39 -6.79
CA GLN B 204 10.85 -32.34 -7.77
C GLN B 204 9.40 -32.40 -8.24
N ARG B 205 8.87 -33.59 -8.48
CA ARG B 205 7.48 -33.73 -8.91
C ARG B 205 6.51 -33.21 -7.85
N THR B 206 6.93 -33.15 -6.58
CA THR B 206 6.10 -32.57 -5.55
C THR B 206 6.20 -31.04 -5.53
N VAL B 207 7.32 -30.49 -5.99
CA VAL B 207 7.44 -29.04 -6.11
C VAL B 207 6.57 -28.53 -7.26
N LYS B 208 6.74 -29.12 -8.44
CA LYS B 208 5.86 -28.81 -9.58
C LYS B 208 4.40 -29.12 -9.28
N PHE B 209 4.15 -30.06 -8.36
CA PHE B 209 2.79 -30.40 -7.97
C PHE B 209 2.00 -29.18 -7.53
N HIS B 210 2.47 -28.51 -6.47
CA HIS B 210 1.74 -27.38 -5.91
C HIS B 210 1.80 -26.15 -6.80
N ILE B 211 2.78 -26.07 -7.70
CA ILE B 211 2.89 -24.91 -8.57
C ILE B 211 1.72 -24.88 -9.56
N VAL B 212 1.43 -26.01 -10.20
CA VAL B 212 0.38 -26.06 -11.21
C VAL B 212 -0.98 -25.78 -10.58
N ASN B 213 -1.20 -26.23 -9.35
CA ASN B 213 -2.46 -25.95 -8.66
C ASN B 213 -2.60 -24.46 -8.36
N ALA B 214 -1.50 -23.82 -7.95
CA ALA B 214 -1.55 -22.39 -7.64
C ALA B 214 -1.74 -21.54 -8.89
N MET B 215 -1.21 -22.00 -10.03
CA MET B 215 -1.41 -21.28 -11.28
C MET B 215 -2.87 -21.28 -11.70
N ARG B 216 -3.56 -22.41 -11.52
CA ARG B 216 -4.95 -22.48 -11.91
C ARG B 216 -5.84 -21.66 -10.98
N LYS B 217 -5.49 -21.62 -9.69
CA LYS B 217 -6.21 -20.75 -8.76
C LYS B 217 -6.04 -19.29 -9.13
N LEU B 218 -4.81 -18.89 -9.47
CA LEU B 218 -4.52 -17.51 -9.84
C LEU B 218 -4.81 -17.21 -11.30
N ASN B 219 -5.29 -18.20 -12.05
CA ASN B 219 -5.63 -18.03 -13.47
C ASN B 219 -4.43 -17.49 -14.25
N SER B 220 -3.29 -18.14 -14.06
CA SER B 220 -2.04 -17.73 -14.69
C SER B 220 -1.56 -18.82 -15.64
N SER B 221 -0.78 -18.40 -16.63
CA SER B 221 -0.27 -19.32 -17.64
C SER B 221 1.10 -19.90 -17.30
N ASN B 222 1.85 -19.26 -16.42
CA ASN B 222 3.17 -19.74 -16.03
C ASN B 222 3.44 -19.36 -14.58
N LYS B 223 4.50 -19.96 -14.03
CA LYS B 223 4.81 -19.75 -12.62
C LYS B 223 5.36 -18.36 -12.35
N ALA B 224 5.97 -17.73 -13.36
CA ALA B 224 6.47 -16.37 -13.18
C ALA B 224 5.34 -15.37 -13.02
N GLU B 225 4.28 -15.52 -13.80
CA GLU B 225 3.13 -14.62 -13.68
C GLU B 225 2.32 -14.95 -12.43
N ALA B 226 2.21 -16.23 -12.09
CA ALA B 226 1.48 -16.62 -10.89
C ALA B 226 2.12 -16.02 -9.64
N THR B 227 3.46 -16.05 -9.56
CA THR B 227 4.15 -15.49 -8.41
C THR B 227 3.94 -13.98 -8.32
N MET B 228 4.08 -13.28 -9.44
CA MET B 228 3.83 -11.85 -9.45
C MET B 228 2.40 -11.53 -9.07
N LYS B 229 1.45 -12.34 -9.55
CA LYS B 229 0.05 -12.14 -9.18
C LYS B 229 -0.16 -12.36 -7.70
N ALA B 230 0.36 -13.47 -7.17
CA ALA B 230 0.20 -13.76 -5.75
C ALA B 230 0.82 -12.68 -4.88
N TYR B 231 1.96 -12.13 -5.31
CA TYR B 231 2.61 -11.09 -4.53
C TYR B 231 1.83 -9.79 -4.59
N ALA B 232 1.33 -9.42 -5.79
CA ALA B 232 0.61 -8.16 -5.93
C ALA B 232 -0.64 -8.12 -5.06
N ILE B 233 -1.26 -9.27 -4.81
CA ILE B 233 -2.47 -9.30 -4.00
C ILE B 233 -2.14 -9.34 -2.52
N GLY B 234 -1.01 -9.94 -2.15
CA GLY B 234 -0.62 -10.09 -0.77
C GLY B 234 -0.64 -11.50 -0.24
N LEU B 235 -0.79 -12.50 -1.10
CA LEU B 235 -0.78 -13.89 -0.67
C LEU B 235 0.60 -14.37 -0.23
N LEU B 236 1.64 -13.56 -0.41
CA LEU B 236 3.00 -13.93 -0.03
C LEU B 236 3.54 -13.05 1.09
N ASN B 237 2.71 -12.21 1.70
CA ASN B 237 3.14 -11.38 2.81
C ASN B 237 3.38 -12.21 4.06
C19 EVY C . 2.20 -3.82 9.61
C18 EVY C . 3.67 -3.49 9.48
C17 EVY C . 4.53 -4.25 10.50
C16 EVY C . 4.58 -3.54 11.85
C15 EVY C . 5.25 -4.39 12.94
C14 EVY C . 4.81 -4.04 14.37
C13 EVY C . 3.41 -4.59 14.69
C11 EVY C . 3.27 -5.29 16.05
C10 EVY C . 4.07 -4.64 17.21
C22 EVY C . 5.32 -5.48 17.56
C23 EVY C . 6.16 -4.92 18.71
C24 EVY C . 7.47 -5.68 18.90
C25 EVY C . 8.34 -5.07 19.99
C26 EVY C . 9.49 -5.99 20.41
C27 EVY C . 10.76 -5.71 19.62
C08 EVY C . 3.17 -4.65 18.46
O09 EVY C . 3.01 -3.64 19.12
N07 EVY C . 2.52 -5.84 18.82
C01 EVY C . 1.68 -5.91 20.01
C05 EVY C . 0.31 -6.59 19.75
C04 EVY C . 0.11 -7.58 20.91
OAP EVY C . 1.31 -7.62 21.67
C02 EVY C . 2.25 -6.80 21.10
O06 EVY C . 3.38 -6.90 21.51
C19 EVY D . -3.89 7.16 -8.49
C18 EVY D . -3.95 5.66 -8.75
C17 EVY D . -5.09 5.29 -9.71
C16 EVY D . -6.33 6.19 -9.55
C15 EVY D . -6.72 6.89 -10.85
C14 EVY D . -7.64 8.11 -10.67
C13 EVY D . -6.89 9.45 -10.74
C11 EVY D . -7.24 10.31 -11.97
C10 EVY D . -8.76 10.52 -12.22
C22 EVY D . -9.19 10.09 -13.67
C23 EVY D . -10.63 10.46 -14.05
C24 EVY D . -11.14 9.70 -15.28
C25 EVY D . -12.67 9.69 -15.37
C26 EVY D . -13.19 9.07 -16.67
C27 EVY D . -14.59 8.46 -16.50
C08 EVY D . -9.05 12.03 -12.08
O09 EVY D . -9.66 12.48 -11.13
N07 EVY D . -8.59 12.89 -13.10
C01 EVY D . -8.82 14.33 -13.05
C05 EVY D . -7.51 15.16 -12.92
C04 EVY D . -7.31 15.80 -14.29
OAP EVY D . -8.56 15.80 -14.96
C02 EVY D . -9.39 14.87 -14.37
O06 EVY D . -10.41 14.62 -14.95
#